data_5UJE
#
_entry.id   5UJE
#
_cell.length_a   55.120
_cell.length_b   55.120
_cell.length_c   92.690
_cell.angle_alpha   90.000
_cell.angle_beta   90.000
_cell.angle_gamma   120.000
#
_symmetry.space_group_name_H-M   'P 31'
#
loop_
_entity.id
_entity.type
_entity.pdbx_description
1 polymer 'SbnI protein'
2 non-polymer GLYCEROL
3 water water
#
_entity_poly.entity_id   1
_entity_poly.type   'polypeptide(L)'
_entity_poly.pdbx_seq_one_letter_code
;GS(MSE)NHIHEHLKLVPVDKIDLHETFEPLRLEKTKSSIEADDFIRHPILVTA(MSE)QHGRY(MSE)VIDGVHRYTSL
KALGCKKVPVQEIHETQYSISTWQHKVPFGVWWETLQQEHRLPWTTETRQEAPFIT(MSE)CHGDTEQYLYTKDLGEAHF
QVWEKVVASYSGCCSVERIAQGTYPCLSQQDVL(MSE)KYQPLSYKEIEAVVHKGETVPAGVTRFNISGRCLNLQVPLAL
LKQDDDVEQLRNWKQFLADKFA
;
_entity_poly.pdbx_strand_id   A
#
# COMPACT_ATOMS: atom_id res chain seq x y z
N ASN A 4 -21.56 16.19 -6.44
CA ASN A 4 -20.41 16.24 -7.33
C ASN A 4 -19.12 16.54 -6.59
N HIS A 5 -19.03 16.12 -5.34
CA HIS A 5 -17.79 16.25 -4.59
C HIS A 5 -16.74 15.34 -5.21
N ILE A 6 -17.12 14.08 -5.42
CA ILE A 6 -16.26 13.12 -6.09
C ILE A 6 -15.88 13.64 -7.47
N HIS A 7 -16.89 13.97 -8.28
CA HIS A 7 -16.71 14.46 -9.64
C HIS A 7 -15.62 15.54 -9.73
N GLU A 8 -15.65 16.48 -8.80
CA GLU A 8 -14.69 17.58 -8.78
C GLU A 8 -13.26 17.12 -8.56
N HIS A 9 -13.10 15.93 -7.97
CA HIS A 9 -11.78 15.44 -7.58
C HIS A 9 -11.29 14.28 -8.44
N LEU A 10 -11.98 14.00 -9.54
CA LEU A 10 -11.45 13.07 -10.54
C LEU A 10 -10.55 13.84 -11.49
N LYS A 11 -9.32 13.38 -11.63
CA LYS A 11 -8.34 14.05 -12.48
C LYS A 11 -7.56 13.05 -13.33
N LEU A 12 -6.96 13.55 -14.41
CA LEU A 12 -6.13 12.73 -15.27
C LEU A 12 -4.68 13.17 -15.09
N VAL A 13 -3.96 12.41 -14.26
CA VAL A 13 -2.62 12.81 -13.81
C VAL A 13 -1.51 12.07 -14.55
N PRO A 14 -0.47 12.79 -14.97
CA PRO A 14 0.64 12.12 -15.66
C PRO A 14 1.33 11.09 -14.78
N VAL A 15 1.63 9.93 -15.36
CA VAL A 15 2.22 8.81 -14.62
C VAL A 15 3.54 9.19 -13.95
N ASP A 16 4.27 10.11 -14.57
CA ASP A 16 5.58 10.50 -14.07
C ASP A 16 5.52 11.42 -12.85
N LYS A 17 4.30 11.77 -12.41
CA LYS A 17 4.11 12.66 -11.28
C LYS A 17 3.44 11.96 -10.10
N ILE A 18 3.31 10.64 -10.21
CA ILE A 18 2.72 9.84 -9.14
C ILE A 18 3.81 8.99 -8.49
N ASP A 19 3.76 8.90 -7.16
CA ASP A 19 4.79 8.23 -6.38
C ASP A 19 4.24 7.05 -5.59
N LEU A 20 5.05 6.00 -5.48
CA LEU A 20 4.69 4.82 -4.71
C LEU A 20 5.51 4.76 -3.43
N HIS A 21 4.88 4.31 -2.34
CA HIS A 21 5.57 4.16 -1.07
C HIS A 21 5.83 2.68 -0.80
N GLU A 22 5.19 1.82 -1.58
CA GLU A 22 5.44 0.39 -1.56
C GLU A 22 5.98 -0.07 -2.91
N THR A 23 6.59 -1.25 -2.92
CA THR A 23 6.92 -1.93 -4.17
C THR A 23 5.72 -2.79 -4.55
N PHE A 24 5.66 -3.20 -5.81
CA PHE A 24 4.58 -4.06 -6.29
C PHE A 24 5.05 -5.50 -6.40
N GLU A 25 4.18 -6.44 -6.06
CA GLU A 25 4.45 -7.84 -6.32
C GLU A 25 4.48 -8.05 -7.83
N PRO A 26 5.49 -8.77 -8.34
CA PRO A 26 5.62 -8.89 -9.81
C PRO A 26 4.50 -9.69 -10.45
N LEU A 27 3.95 -10.66 -9.72
CA LEU A 27 2.92 -11.54 -10.27
C LEU A 27 1.53 -10.91 -10.19
N ARG A 28 1.28 -10.13 -9.14
CA ARG A 28 0.01 -9.42 -9.00
C ARG A 28 -0.17 -8.44 -10.16
N LEU A 29 0.94 -7.89 -10.64
CA LEU A 29 0.91 -6.91 -11.71
C LEU A 29 0.36 -7.50 -13.01
N GLU A 30 0.80 -8.71 -13.34
CA GLU A 30 0.42 -9.34 -14.59
C GLU A 30 -1.00 -9.90 -14.56
N LYS A 31 -1.52 -10.15 -13.36
CA LYS A 31 -2.91 -10.57 -13.21
C LYS A 31 -3.83 -9.36 -13.38
N THR A 32 -3.44 -8.24 -12.78
CA THR A 32 -4.20 -7.01 -12.91
C THR A 32 -4.16 -6.49 -14.33
N LYS A 33 -2.95 -6.42 -14.90
CA LYS A 33 -2.76 -5.93 -16.27
C LYS A 33 -3.53 -6.77 -17.28
N SER A 34 -3.57 -8.08 -17.05
CA SER A 34 -4.28 -8.99 -17.94
C SER A 34 -5.80 -8.78 -17.83
N SER A 35 -6.27 -8.55 -16.61
CA SER A 35 -7.69 -8.34 -16.37
C SER A 35 -8.17 -7.04 -17.02
N ILE A 36 -7.36 -5.99 -16.90
CA ILE A 36 -7.72 -4.68 -17.44
C ILE A 36 -7.77 -4.73 -18.97
N GLU A 37 -6.84 -5.44 -19.59
CA GLU A 37 -6.80 -5.57 -21.04
C GLU A 37 -7.97 -6.40 -21.56
N ALA A 38 -8.30 -7.47 -20.83
CA ALA A 38 -9.42 -8.33 -21.21
C ALA A 38 -10.73 -7.57 -21.14
N ASP A 39 -10.83 -6.63 -20.21
CA ASP A 39 -12.02 -5.81 -20.04
C ASP A 39 -11.95 -4.56 -20.89
N ASP A 40 -10.73 -4.16 -21.26
CA ASP A 40 -10.51 -2.96 -22.07
C ASP A 40 -10.92 -1.69 -21.31
N PHE A 41 -11.04 -1.81 -19.98
CA PHE A 41 -11.27 -0.65 -19.14
C PHE A 41 -10.68 -0.87 -17.76
N ILE A 42 -10.30 0.21 -17.09
CA ILE A 42 -9.88 0.14 -15.70
C ILE A 42 -11.10 0.46 -14.82
N ARG A 43 -11.53 -0.53 -14.06
CA ARG A 43 -12.75 -0.43 -13.29
C ARG A 43 -12.70 0.71 -12.27
N HIS A 44 -11.69 0.69 -11.40
CA HIS A 44 -11.60 1.66 -10.32
C HIS A 44 -10.51 2.69 -10.56
N PRO A 45 -10.77 3.96 -10.23
CA PRO A 45 -9.74 4.99 -10.35
C PRO A 45 -8.68 4.86 -9.26
N ILE A 46 -7.44 5.23 -9.59
CA ILE A 46 -6.33 5.11 -8.64
C ILE A 46 -6.43 6.19 -7.58
N LEU A 47 -6.76 5.80 -6.35
CA LEU A 47 -6.87 6.75 -5.25
C LEU A 47 -5.48 7.29 -4.89
N VAL A 48 -5.34 8.61 -4.88
CA VAL A 48 -4.07 9.24 -4.55
C VAL A 48 -4.25 10.37 -3.55
N THR A 49 -3.17 10.72 -2.87
CA THR A 49 -3.13 11.89 -2.00
C THR A 49 -2.14 12.90 -2.57
N ALA A 50 -2.53 14.17 -2.57
CA ALA A 50 -1.69 15.21 -3.15
C ALA A 50 -0.48 15.51 -2.26
N GLN A 52 3.32 17.84 -2.28
CA GLN A 52 3.73 19.17 -2.75
C GLN A 52 4.37 19.08 -4.12
N HIS A 53 4.47 20.22 -4.80
CA HIS A 53 5.08 20.31 -6.13
C HIS A 53 4.38 19.43 -7.15
N GLY A 54 3.07 19.37 -7.08
CA GLY A 54 2.26 18.70 -8.09
C GLY A 54 2.45 17.19 -8.18
N ARG A 55 3.02 16.60 -7.14
CA ARG A 55 3.21 15.15 -7.10
C ARG A 55 2.11 14.49 -6.26
N TYR A 56 1.84 13.23 -6.53
CA TYR A 56 0.80 12.48 -5.84
C TYR A 56 1.31 11.12 -5.35
N VAL A 58 0.13 7.21 -4.43
CA VAL A 58 -0.87 6.16 -4.46
C VAL A 58 -1.12 5.62 -3.06
N ILE A 59 -2.40 5.53 -2.69
CA ILE A 59 -2.81 4.94 -1.42
C ILE A 59 -3.78 3.79 -1.68
N ASP A 60 -4.14 3.60 -2.94
CA ASP A 60 -4.89 2.42 -3.38
C ASP A 60 -4.86 2.34 -4.90
N GLY A 61 -4.43 1.20 -5.42
CA GLY A 61 -4.36 0.97 -6.86
C GLY A 61 -2.94 0.95 -7.37
N VAL A 62 -2.01 0.48 -6.53
CA VAL A 62 -0.61 0.35 -6.92
C VAL A 62 -0.51 -0.46 -8.20
N HIS A 63 -1.19 -1.60 -8.21
CA HIS A 63 -1.14 -2.52 -9.34
C HIS A 63 -1.88 -1.96 -10.55
N ARG A 64 -2.95 -1.22 -10.30
CA ARG A 64 -3.66 -0.54 -11.38
C ARG A 64 -2.74 0.50 -12.00
N TYR A 65 -2.06 1.27 -11.16
CA TYR A 65 -1.14 2.30 -11.60
C TYR A 65 -0.01 1.70 -12.45
N THR A 66 0.66 0.70 -11.90
CA THR A 66 1.80 0.09 -12.57
C THR A 66 1.39 -0.63 -13.85
N SER A 67 0.15 -1.12 -13.89
CA SER A 67 -0.37 -1.80 -15.07
C SER A 67 -0.55 -0.82 -16.23
N LEU A 68 -1.24 0.29 -15.97
CA LEU A 68 -1.48 1.31 -16.98
C LEU A 68 -0.16 1.93 -17.44
N LYS A 69 0.77 2.07 -16.50
CA LYS A 69 2.10 2.61 -16.80
C LYS A 69 2.85 1.69 -17.75
N ALA A 70 2.75 0.39 -17.51
CA ALA A 70 3.42 -0.60 -18.35
C ALA A 70 2.83 -0.64 -19.75
N LEU A 71 1.54 -0.31 -19.85
CA LEU A 71 0.84 -0.30 -21.14
C LEU A 71 1.14 0.97 -21.92
N GLY A 72 1.86 1.91 -21.29
CA GLY A 72 2.30 3.11 -21.97
C GLY A 72 1.35 4.29 -21.82
N CYS A 73 0.45 4.22 -20.86
CA CYS A 73 -0.47 5.33 -20.60
C CYS A 73 0.25 6.52 -20.03
N LYS A 74 0.24 7.64 -20.75
CA LYS A 74 0.88 8.86 -20.28
C LYS A 74 0.19 9.39 -19.02
N LYS A 75 -1.12 9.21 -18.97
CA LYS A 75 -1.92 9.64 -17.83
C LYS A 75 -2.77 8.49 -17.30
N VAL A 76 -3.17 8.61 -16.03
CA VAL A 76 -4.04 7.61 -15.42
C VAL A 76 -5.17 8.31 -14.67
N PRO A 77 -6.33 7.64 -14.55
CA PRO A 77 -7.44 8.25 -13.84
C PRO A 77 -7.30 8.09 -12.34
N VAL A 78 -7.31 9.20 -11.61
CA VAL A 78 -7.17 9.15 -10.16
C VAL A 78 -8.31 9.88 -9.48
N GLN A 79 -8.55 9.51 -8.22
CA GLN A 79 -9.40 10.27 -7.33
C GLN A 79 -8.53 10.87 -6.24
N GLU A 80 -8.40 12.19 -6.24
CA GLU A 80 -7.64 12.88 -5.20
C GLU A 80 -8.38 12.77 -3.87
N ILE A 81 -7.74 12.17 -2.89
CA ILE A 81 -8.30 12.01 -1.55
C ILE A 81 -7.73 13.07 -0.62
N HIS A 82 -8.54 13.50 0.34
CA HIS A 82 -8.12 14.52 1.30
C HIS A 82 -7.76 13.88 2.64
N GLU A 83 -6.94 14.58 3.42
CA GLU A 83 -6.45 14.05 4.69
C GLU A 83 -7.59 13.74 5.67
N THR A 84 -8.71 14.42 5.51
CA THR A 84 -9.88 14.19 6.35
C THR A 84 -10.53 12.86 6.01
N GLN A 85 -10.39 12.43 4.76
CA GLN A 85 -11.12 11.28 4.25
C GLN A 85 -10.52 9.93 4.65
N TYR A 86 -9.22 9.89 4.91
CA TYR A 86 -8.53 8.63 5.17
C TYR A 86 -7.62 8.66 6.39
N SER A 87 -7.44 7.49 6.99
CA SER A 87 -6.50 7.29 8.09
C SER A 87 -5.55 6.17 7.72
N ILE A 88 -4.51 5.96 8.53
CA ILE A 88 -3.54 4.90 8.28
C ILE A 88 -3.57 3.85 9.38
N SER A 89 -3.42 2.59 8.96
CA SER A 89 -3.42 1.46 9.88
C SER A 89 -2.39 0.43 9.39
N THR A 90 -2.53 -0.81 9.86
CA THR A 90 -1.57 -1.85 9.52
C THR A 90 -2.21 -3.22 9.39
N TRP A 91 -1.69 -4.02 8.46
CA TRP A 91 -2.08 -5.42 8.32
C TRP A 91 -1.26 -6.30 9.26
N GLN A 92 -1.93 -7.16 10.00
CA GLN A 92 -1.25 -8.15 10.85
C GLN A 92 -0.94 -9.40 10.04
N HIS A 93 0.27 -9.91 10.20
CA HIS A 93 0.70 -11.09 9.45
C HIS A 93 0.68 -12.35 10.30
N LYS A 94 -0.08 -13.33 9.85
CA LYS A 94 -0.21 -14.62 10.54
C LYS A 94 0.42 -15.74 9.71
N VAL A 95 1.44 -16.35 10.27
CA VAL A 95 2.14 -17.47 9.64
C VAL A 95 2.39 -18.53 10.71
N PRO A 96 2.86 -19.73 10.31
CA PRO A 96 3.19 -20.70 11.35
C PRO A 96 4.58 -20.48 11.94
N PHE A 97 4.71 -20.64 13.25
CA PHE A 97 6.00 -20.55 13.92
C PHE A 97 6.96 -21.57 13.34
N GLY A 98 8.20 -21.17 13.13
CA GLY A 98 9.18 -22.04 12.49
C GLY A 98 10.63 -21.66 12.73
N VAL A 99 11.50 -22.17 11.86
CA VAL A 99 12.94 -21.98 12.00
C VAL A 99 13.33 -20.52 11.78
N TRP A 100 12.58 -19.81 10.95
CA TRP A 100 12.90 -18.45 10.57
C TRP A 100 13.04 -17.50 11.76
N TRP A 101 12.46 -17.88 12.90
CA TRP A 101 12.56 -17.04 14.10
C TRP A 101 13.98 -17.03 14.64
N GLU A 102 14.61 -18.19 14.67
CA GLU A 102 16.01 -18.30 15.08
C GLU A 102 16.92 -17.76 13.99
N THR A 103 16.58 -18.07 12.74
CA THR A 103 17.35 -17.60 11.60
C THR A 103 17.39 -16.08 11.58
N LEU A 104 16.24 -15.46 11.86
CA LEU A 104 16.15 -14.01 11.94
C LEU A 104 16.96 -13.49 13.11
N GLN A 105 16.99 -14.25 14.19
CA GLN A 105 17.63 -13.79 15.41
C GLN A 105 19.13 -13.61 15.22
N GLN A 106 19.82 -14.65 14.75
CA GLN A 106 21.28 -14.59 14.61
C GLN A 106 21.72 -13.76 13.41
N GLU A 107 20.85 -13.62 12.42
CA GLU A 107 21.22 -12.90 11.20
C GLU A 107 21.25 -11.39 11.44
N HIS A 108 20.38 -10.90 12.33
CA HIS A 108 20.24 -9.47 12.56
C HIS A 108 20.34 -9.07 14.03
N ARG A 109 20.10 -10.03 14.93
CA ARG A 109 20.27 -9.81 16.36
C ARG A 109 19.54 -8.55 16.83
N LEU A 110 18.23 -8.52 16.61
CA LEU A 110 17.42 -7.37 16.98
C LEU A 110 17.09 -7.41 18.47
N PRO A 111 16.94 -6.24 19.10
CA PRO A 111 16.68 -6.20 20.55
C PRO A 111 15.25 -6.59 20.91
N TRP A 112 14.91 -7.86 20.73
CA TRP A 112 13.61 -8.37 21.15
C TRP A 112 13.56 -8.45 22.68
N THR A 113 12.42 -8.03 23.25
CA THR A 113 12.25 -8.03 24.70
C THR A 113 10.83 -8.42 25.07
N THR A 114 10.67 -8.91 26.29
CA THR A 114 9.36 -9.33 26.81
C THR A 114 8.72 -8.18 27.61
N GLU A 115 9.52 -7.19 27.98
CA GLU A 115 9.08 -6.07 28.79
C GLU A 115 7.90 -5.31 28.17
N THR A 116 6.89 -5.04 29.00
CA THR A 116 5.73 -4.24 28.58
C THR A 116 5.88 -2.81 29.09
N ARG A 117 6.42 -1.94 28.25
CA ARG A 117 6.80 -0.59 28.67
C ARG A 117 5.69 0.43 28.47
N GLN A 118 5.91 1.63 28.99
CA GLN A 118 4.97 2.72 28.83
C GLN A 118 4.88 3.13 27.37
N GLU A 119 5.94 2.88 26.62
CA GLU A 119 5.96 3.15 25.18
C GLU A 119 5.21 2.06 24.43
N ALA A 120 4.78 2.39 23.21
CA ALA A 120 4.10 1.43 22.36
C ALA A 120 5.11 0.63 21.55
N PRO A 121 4.84 -0.67 21.34
CA PRO A 121 5.76 -1.46 20.50
C PRO A 121 5.80 -1.00 19.05
N PHE A 122 7.02 -0.88 18.51
CA PHE A 122 7.20 -0.59 17.09
C PHE A 122 6.84 -1.83 16.28
N ILE A 123 7.21 -2.99 16.81
CA ILE A 123 6.83 -4.28 16.22
C ILE A 123 6.49 -5.24 17.36
N THR A 124 5.61 -6.21 17.07
CA THR A 124 5.20 -7.18 18.07
C THR A 124 5.21 -8.59 17.49
N CYS A 126 3.80 -12.38 18.49
CA CYS A 126 2.90 -13.12 19.37
C CYS A 126 2.97 -14.62 19.13
N HIS A 127 3.35 -15.37 20.16
CA HIS A 127 3.43 -16.82 20.07
C HIS A 127 2.96 -17.44 21.37
N GLY A 128 1.81 -18.12 21.33
CA GLY A 128 1.16 -18.59 22.54
C GLY A 128 0.66 -17.42 23.35
N ASP A 129 0.85 -17.46 24.66
CA ASP A 129 0.48 -16.36 25.54
C ASP A 129 1.70 -15.49 25.87
N THR A 130 2.67 -15.49 24.95
CA THR A 130 3.88 -14.69 25.11
C THR A 130 3.91 -13.58 24.05
N GLU A 131 4.61 -12.49 24.35
CA GLU A 131 4.75 -11.39 23.41
C GLU A 131 6.13 -10.75 23.49
N GLN A 132 6.81 -10.71 22.35
CA GLN A 132 8.11 -10.04 22.22
C GLN A 132 7.97 -8.79 21.38
N TYR A 133 8.69 -7.73 21.77
CA TYR A 133 8.53 -6.42 21.15
C TYR A 133 9.86 -5.82 20.67
N LEU A 134 9.75 -4.93 19.69
CA LEU A 134 10.81 -3.98 19.37
C LEU A 134 10.36 -2.59 19.76
N TYR A 135 11.19 -1.89 20.52
CA TYR A 135 10.93 -0.50 20.86
C TYR A 135 11.91 0.38 20.09
N THR A 136 11.36 1.31 19.31
CA THR A 136 12.15 2.15 18.42
C THR A 136 13.36 2.80 19.10
N LYS A 137 13.29 2.95 20.42
CA LYS A 137 14.41 3.48 21.19
C LYS A 137 15.59 2.51 21.16
N ASP A 138 15.31 1.24 21.45
CA ASP A 138 16.34 0.21 21.45
C ASP A 138 16.99 0.10 20.07
N LEU A 139 16.19 0.33 19.04
CA LEU A 139 16.70 0.32 17.68
C LEU A 139 17.49 1.60 17.40
N GLY A 140 16.92 2.73 17.81
CA GLY A 140 17.55 4.02 17.56
C GLY A 140 17.57 4.32 16.07
N GLU A 141 18.76 4.45 15.51
CA GLU A 141 18.91 4.59 14.06
C GLU A 141 18.72 3.21 13.44
N ALA A 142 18.69 3.16 12.11
CA ALA A 142 18.48 1.90 11.39
C ALA A 142 17.13 1.28 11.75
N HIS A 143 16.20 2.11 12.23
CA HIS A 143 14.86 1.64 12.56
C HIS A 143 13.93 1.79 11.35
N PHE A 144 14.43 2.44 10.30
CA PHE A 144 13.71 2.53 9.04
C PHE A 144 13.78 1.21 8.30
N GLN A 145 14.88 0.49 8.49
CA GLN A 145 15.21 -0.68 7.68
C GLN A 145 14.71 -1.98 8.30
N VAL A 146 14.45 -1.96 9.60
CA VAL A 146 14.10 -3.19 10.33
C VAL A 146 12.83 -3.84 9.80
N TRP A 147 11.90 -3.01 9.31
CA TRP A 147 10.67 -3.53 8.68
C TRP A 147 11.00 -4.55 7.61
N GLU A 148 11.91 -4.19 6.73
CA GLU A 148 12.31 -5.05 5.63
C GLU A 148 12.94 -6.34 6.15
N LYS A 149 13.62 -6.25 7.29
CA LYS A 149 14.34 -7.39 7.84
C LYS A 149 13.39 -8.36 8.53
N VAL A 150 12.44 -7.84 9.30
CA VAL A 150 11.48 -8.67 10.02
C VAL A 150 10.49 -9.32 9.06
N VAL A 151 10.00 -8.55 8.10
CA VAL A 151 9.04 -9.07 7.13
C VAL A 151 9.68 -10.14 6.26
N ALA A 152 10.88 -9.87 5.76
CA ALA A 152 11.55 -10.76 4.82
C ALA A 152 11.86 -12.12 5.42
N SER A 153 11.93 -12.20 6.75
CA SER A 153 12.28 -13.44 7.43
C SER A 153 11.23 -14.52 7.20
N TYR A 154 10.01 -14.27 7.65
CA TYR A 154 8.92 -15.24 7.51
C TYR A 154 8.32 -15.17 6.10
N SER A 155 8.26 -13.98 5.53
CA SER A 155 7.72 -13.81 4.18
C SER A 155 8.68 -14.41 3.17
N GLY A 156 8.33 -15.58 2.64
CA GLY A 156 9.16 -16.29 1.70
C GLY A 156 9.13 -17.78 1.99
N CYS A 157 9.45 -18.13 3.23
CA CYS A 157 9.39 -19.52 3.67
C CYS A 157 8.05 -19.83 4.32
N CYS A 158 7.18 -18.82 4.40
CA CYS A 158 5.83 -18.99 4.91
C CYS A 158 4.81 -18.39 3.94
N SER A 159 3.59 -18.93 3.98
CA SER A 159 2.48 -18.36 3.23
C SER A 159 1.77 -17.34 4.10
N VAL A 160 2.01 -16.05 3.82
CA VAL A 160 1.49 -14.99 4.66
C VAL A 160 -0.02 -14.81 4.53
N GLU A 161 -0.66 -14.51 5.66
CA GLU A 161 -2.09 -14.26 5.72
C GLU A 161 -2.35 -12.92 6.39
N ARG A 162 -2.93 -11.99 5.63
CA ARG A 162 -3.18 -10.65 6.14
C ARG A 162 -4.40 -10.66 7.05
N ILE A 163 -4.30 -9.98 8.19
CA ILE A 163 -5.42 -9.87 9.12
C ILE A 163 -5.53 -8.45 9.63
N ALA A 164 -6.76 -7.95 9.70
CA ALA A 164 -7.03 -6.59 10.17
C ALA A 164 -7.15 -6.56 11.68
N GLN A 165 -7.09 -5.36 12.25
CA GLN A 165 -7.12 -5.21 13.70
C GLN A 165 -8.54 -5.26 14.25
N GLY A 166 -9.28 -6.30 13.88
CA GLY A 166 -10.65 -6.49 14.33
C GLY A 166 -10.74 -7.59 15.38
N THR A 167 -9.60 -7.94 15.97
CA THR A 167 -9.52 -9.06 16.90
C THR A 167 -10.14 -10.30 16.28
N TYR A 168 -9.68 -10.65 15.08
CA TYR A 168 -10.13 -11.83 14.36
C TYR A 168 -9.13 -12.99 14.34
N PRO A 169 -8.12 -12.98 15.22
CA PRO A 169 -7.14 -14.06 15.06
C PRO A 169 -7.59 -15.35 15.71
N CYS A 170 -7.17 -16.49 15.16
CA CYS A 170 -7.28 -17.76 15.87
C CYS A 170 -5.99 -17.95 16.65
N LEU A 171 -6.10 -18.08 17.97
CA LEU A 171 -4.93 -18.23 18.82
C LEU A 171 -4.45 -19.67 18.78
N SER A 172 -3.81 -20.06 17.68
CA SER A 172 -3.30 -21.41 17.55
C SER A 172 -2.08 -21.56 18.45
N GLN A 173 -1.91 -22.75 18.97
CA GLN A 173 -0.80 -23.06 19.88
C GLN A 173 0.51 -22.92 19.12
N GLN A 174 0.43 -23.11 17.81
CA GLN A 174 1.61 -23.18 16.94
C GLN A 174 1.79 -21.91 16.11
N ASP A 175 0.72 -21.13 15.96
CA ASP A 175 0.78 -19.95 15.09
C ASP A 175 1.49 -18.77 15.75
N VAL A 176 2.00 -17.89 14.89
CA VAL A 176 2.58 -16.63 15.31
C VAL A 176 1.85 -15.49 14.62
N LEU A 177 1.80 -14.32 15.26
CA LEU A 177 1.11 -13.17 14.71
C LEU A 177 1.98 -11.91 14.78
N LYS A 179 2.81 -7.97 14.19
CA LYS A 179 2.09 -6.69 14.19
C LYS A 179 3.07 -5.53 14.08
N TYR A 180 2.68 -4.52 13.31
CA TYR A 180 3.55 -3.36 13.08
C TYR A 180 2.84 -2.07 13.46
N GLN A 181 3.56 -1.22 14.18
CA GLN A 181 3.04 0.08 14.53
C GLN A 181 2.76 0.88 13.25
N PRO A 182 1.56 1.47 13.14
CA PRO A 182 1.27 2.26 11.93
C PRO A 182 2.20 3.44 11.76
N LEU A 183 2.58 3.72 10.51
CA LEU A 183 3.38 4.90 10.20
C LEU A 183 2.49 6.14 10.13
N SER A 184 3.00 7.26 10.60
CA SER A 184 2.30 8.53 10.45
C SER A 184 2.45 8.98 9.00
N TYR A 185 1.65 9.95 8.58
CA TYR A 185 1.72 10.41 7.19
C TYR A 185 3.07 11.05 6.92
N LYS A 186 3.65 11.69 7.94
CA LYS A 186 4.94 12.34 7.79
C LYS A 186 6.05 11.35 7.48
N GLU A 187 5.98 10.18 8.10
CA GLU A 187 7.00 9.16 7.90
C GLU A 187 6.98 8.66 6.46
N ILE A 188 5.79 8.33 5.97
CA ILE A 188 5.64 7.81 4.61
C ILE A 188 6.08 8.84 3.57
N GLU A 189 5.77 10.11 3.83
CA GLU A 189 6.15 11.18 2.92
C GLU A 189 7.67 11.25 2.78
N ALA A 190 8.37 11.08 3.91
CA ALA A 190 9.82 11.13 3.92
C ALA A 190 10.43 9.99 3.10
N VAL A 191 9.85 8.80 3.25
CA VAL A 191 10.31 7.62 2.50
C VAL A 191 10.25 7.90 1.00
N VAL A 192 9.15 8.48 0.55
CA VAL A 192 8.96 8.81 -0.86
C VAL A 192 9.94 9.89 -1.32
N HIS A 193 10.19 10.87 -0.44
CA HIS A 193 11.10 11.96 -0.75
C HIS A 193 12.54 11.47 -0.95
N LYS A 194 12.87 10.37 -0.29
CA LYS A 194 14.22 9.81 -0.34
C LYS A 194 14.37 8.80 -1.47
N GLY A 195 13.34 8.70 -2.31
CA GLY A 195 13.34 7.75 -3.41
C GLY A 195 13.36 6.32 -2.90
N GLU A 196 12.78 6.11 -1.73
CA GLU A 196 12.82 4.82 -1.06
C GLU A 196 11.45 4.17 -0.98
N THR A 197 11.42 2.94 -0.47
CA THR A 197 10.19 2.17 -0.36
C THR A 197 10.14 1.44 0.98
N VAL A 198 8.97 0.88 1.29
CA VAL A 198 8.81 0.03 2.47
C VAL A 198 8.27 -1.31 2.00
N PRO A 199 8.45 -2.36 2.81
CA PRO A 199 7.94 -3.68 2.39
C PRO A 199 6.43 -3.66 2.21
N ALA A 200 5.96 -4.19 1.08
CA ALA A 200 4.53 -4.18 0.78
C ALA A 200 3.78 -5.15 1.67
N GLY A 201 2.48 -4.91 1.83
CA GLY A 201 1.61 -5.80 2.58
C GLY A 201 1.49 -5.45 4.05
N VAL A 202 2.06 -4.32 4.45
CA VAL A 202 2.03 -3.89 5.84
C VAL A 202 1.05 -2.73 6.06
N THR A 203 1.31 -1.60 5.40
CA THR A 203 0.46 -0.43 5.55
C THR A 203 -0.96 -0.72 5.06
N ARG A 204 -1.93 0.01 5.61
CA ARG A 204 -3.33 -0.15 5.24
C ARG A 204 -4.04 1.19 5.34
N PHE A 205 -4.45 1.73 4.20
CA PHE A 205 -5.18 2.98 4.16
C PHE A 205 -6.68 2.75 4.24
N ASN A 206 -7.28 3.20 5.34
CA ASN A 206 -8.73 3.18 5.48
C ASN A 206 -9.29 4.47 4.89
N ILE A 207 -10.00 4.35 3.76
CA ILE A 207 -10.43 5.52 3.01
C ILE A 207 -11.95 5.59 2.87
N SER A 208 -12.49 6.78 3.11
CA SER A 208 -13.93 7.05 2.98
C SER A 208 -14.21 7.90 1.74
N GLY A 209 -15.45 7.87 1.27
CA GLY A 209 -15.86 8.64 0.11
C GLY A 209 -15.14 8.25 -1.16
N ARG A 210 -15.00 6.94 -1.37
CA ARG A 210 -14.28 6.43 -2.54
C ARG A 210 -15.17 6.40 -3.79
N CYS A 211 -14.55 6.69 -4.93
CA CYS A 211 -15.22 6.56 -6.22
C CYS A 211 -14.89 5.20 -6.83
N LEU A 212 -15.92 4.37 -7.00
CA LEU A 212 -15.73 3.00 -7.44
C LEU A 212 -16.48 2.70 -8.74
N ASN A 213 -15.96 1.74 -9.50
CA ASN A 213 -16.64 1.24 -10.70
C ASN A 213 -16.82 2.33 -11.76
N LEU A 214 -15.83 3.20 -11.89
CA LEU A 214 -15.88 4.29 -12.86
C LEU A 214 -15.80 3.73 -14.28
N GLN A 215 -15.12 2.59 -14.43
CA GLN A 215 -14.97 1.92 -15.72
C GLN A 215 -14.44 2.88 -16.80
N VAL A 216 -13.26 3.42 -16.59
CA VAL A 216 -12.62 4.27 -17.58
C VAL A 216 -12.09 3.40 -18.72
N PRO A 217 -12.53 3.67 -19.97
CA PRO A 217 -12.07 2.80 -21.06
C PRO A 217 -10.58 2.95 -21.32
N LEU A 218 -9.93 1.86 -21.70
CA LEU A 218 -8.50 1.89 -22.00
C LEU A 218 -8.22 2.75 -23.22
N ALA A 219 -9.11 2.66 -24.21
CA ALA A 219 -8.95 3.41 -25.45
C ALA A 219 -8.77 4.90 -25.19
N LEU A 220 -9.42 5.39 -24.13
CA LEU A 220 -9.33 6.78 -23.74
C LEU A 220 -7.96 7.11 -23.18
N LEU A 221 -7.44 6.22 -22.33
CA LEU A 221 -6.15 6.44 -21.69
C LEU A 221 -4.99 6.19 -22.67
N LYS A 222 -5.31 5.63 -23.84
CA LYS A 222 -4.32 5.38 -24.88
C LYS A 222 -4.29 6.49 -25.93
N GLN A 223 -5.21 7.44 -25.82
CA GLN A 223 -5.25 8.55 -26.78
C GLN A 223 -4.02 9.42 -26.63
N ASP A 224 -3.14 9.37 -27.63
CA ASP A 224 -1.88 10.10 -27.60
C ASP A 224 -2.11 11.61 -27.62
N ASP A 225 -3.05 12.06 -28.42
CA ASP A 225 -3.35 13.48 -28.55
C ASP A 225 -3.91 14.04 -27.25
N ASP A 226 -3.20 15.00 -26.66
CA ASP A 226 -3.55 15.54 -25.35
C ASP A 226 -4.86 16.32 -25.36
N VAL A 227 -4.98 17.26 -26.30
CA VAL A 227 -6.15 18.13 -26.37
C VAL A 227 -7.45 17.32 -26.51
N GLU A 228 -7.40 16.29 -27.34
CA GLU A 228 -8.56 15.44 -27.57
C GLU A 228 -8.84 14.56 -26.35
N GLN A 229 -7.78 14.14 -25.66
CA GLN A 229 -7.92 13.28 -24.49
C GLN A 229 -8.68 13.96 -23.36
N LEU A 230 -8.39 15.25 -23.15
CA LEU A 230 -9.09 16.03 -22.15
C LEU A 230 -10.57 16.17 -22.50
N ARG A 231 -10.84 16.30 -23.80
CA ARG A 231 -12.21 16.46 -24.29
C ARG A 231 -13.07 15.25 -23.96
N ASN A 232 -12.59 14.07 -24.36
CA ASN A 232 -13.32 12.83 -24.13
C ASN A 232 -13.38 12.53 -22.64
N TRP A 233 -12.34 12.93 -21.91
CA TRP A 233 -12.27 12.73 -20.47
C TRP A 233 -13.29 13.59 -19.75
N LYS A 234 -13.30 14.88 -20.06
CA LYS A 234 -14.26 15.80 -19.45
C LYS A 234 -15.69 15.41 -19.80
N GLN A 235 -15.89 14.95 -21.02
CA GLN A 235 -17.20 14.46 -21.46
C GLN A 235 -17.54 13.15 -20.75
N PHE A 236 -16.52 12.33 -20.53
CA PHE A 236 -16.70 11.05 -19.86
C PHE A 236 -17.18 11.26 -18.43
N LEU A 237 -16.64 12.29 -17.79
CA LEU A 237 -17.06 12.65 -16.43
C LEU A 237 -18.40 13.40 -16.45
N ALA A 238 -18.84 13.80 -17.64
CA ALA A 238 -20.13 14.45 -17.77
C ALA A 238 -21.22 13.38 -17.92
N ASP A 239 -20.98 12.42 -18.80
CA ASP A 239 -21.91 11.32 -19.00
C ASP A 239 -22.12 10.57 -17.68
N LYS A 240 -21.02 10.12 -17.08
CA LYS A 240 -21.07 9.55 -15.75
C LYS A 240 -20.99 10.67 -14.70
N PHE A 241 -22.12 10.98 -14.09
CA PHE A 241 -22.14 11.99 -13.03
C PHE A 241 -21.24 11.49 -11.89
N ALA A 242 -20.10 12.14 -11.72
CA ALA A 242 -19.09 11.72 -10.76
C ALA A 242 -18.64 10.29 -11.07
#